data_2MCI
#
_entry.id   2MCI
#
loop_
_entity.id
_entity.type
_entity.pdbx_description
1 polymer "DNA_(5'-D(*GP*TP*CP*GP*GP*CP*TP*G)-3')"
2 polymer "DNA_(5'-D(*CP*AP*GP*CP*CP*GP*AP*C)-3')"
#
loop_
_entity_poly.entity_id
_entity_poly.type
_entity_poly.pdbx_seq_one_letter_code
_entity_poly.pdbx_strand_id
1 'polydeoxyribonucleotide' (DG)(DT)(DC)(DG)(DG)(DC)(DT)(DG) A
2 'polydeoxyribonucleotide' (DC)(DA)(DG)(DC)(DC)(DG)(DA)(DC) B
#